data_3NIQ
#
_entry.id   3NIQ
#
_cell.length_a   123.961
_cell.length_b   123.961
_cell.length_c   123.961
_cell.angle_alpha   90.00
_cell.angle_beta   90.00
_cell.angle_gamma   90.00
#
_symmetry.space_group_name_H-M   'P 21 3'
#
loop_
_entity.id
_entity.type
_entity.pdbx_description
1 polymer 3-guanidinopropionase
2 non-polymer GLYCEROL
3 non-polymer 'MANGANESE (II) ION'
4 water water
#
_entity_poly.entity_id   1
_entity_poly.type   'polypeptide(L)'
_entity_poly.pdbx_seq_one_letter_code
;MSNDHPQPLDAAEIPRFAGIPTFMRLPAFTDPAALQVGLIGVPWDGGTTNRAGARHGPREVRNLSSLMRKVHHVSRIAPY
DLVRVGDLGDAPVNPIDLLDSLRRIEGFYRQVHAAGTLPLSVGGDHLVTLPIFRALGRERPLGMVHFDAHSDTNDRYFGD
NPYTHGTPFRRAIEEGLLDPLRTVQIGIRGSVYSPDDDAFARECGIRVIHMEEFVELGVEATLAEARRVVGAGPTYVSFD
VDVLDPAFAPGTGTPEIGGMTSLQAQQLVRGLRGLDLVGADVVEVSPPFDVGGATALVGATMMFELLCLLAESAARSALE
HHHHHH
;
_entity_poly.pdbx_strand_id   A,B
#
loop_
_chem_comp.id
_chem_comp.type
_chem_comp.name
_chem_comp.formula
GOL non-polymer GLYCEROL 'C3 H8 O3'
MN non-polymer 'MANGANESE (II) ION' 'Mn 2'
#
# COMPACT_ATOMS: atom_id res chain seq x y z
N ASP A 4 39.24 7.13 -12.22
CA ASP A 4 38.15 8.18 -12.22
C ASP A 4 36.72 7.58 -12.21
N HIS A 5 36.58 6.37 -11.67
CA HIS A 5 35.26 5.79 -11.45
C HIS A 5 34.50 6.69 -10.47
N PRO A 6 33.15 6.71 -10.52
CA PRO A 6 32.44 7.38 -9.43
C PRO A 6 32.82 6.73 -8.09
N GLN A 7 32.84 7.52 -7.02
CA GLN A 7 33.15 7.00 -5.70
C GLN A 7 32.09 7.58 -4.75
N PRO A 8 31.76 6.82 -3.69
CA PRO A 8 30.84 7.30 -2.65
C PRO A 8 31.41 8.55 -1.99
N LEU A 9 30.57 9.36 -1.36
CA LEU A 9 31.07 10.48 -0.55
C LEU A 9 32.12 9.97 0.44
N ASP A 10 33.22 10.70 0.58
CA ASP A 10 34.29 10.28 1.48
C ASP A 10 33.90 10.47 2.97
N ALA A 11 33.73 9.35 3.68
CA ALA A 11 33.25 9.36 5.07
C ALA A 11 34.28 9.94 6.04
N ALA A 12 35.52 10.06 5.59
CA ALA A 12 36.58 10.69 6.39
C ALA A 12 36.39 12.21 6.40
N GLU A 13 35.47 12.68 5.54
CA GLU A 13 35.25 14.11 5.32
C GLU A 13 33.77 14.49 5.52
N ILE A 14 32.87 13.58 5.15
CA ILE A 14 31.44 13.85 5.21
C ILE A 14 30.80 12.72 6.03
N PRO A 15 30.32 13.03 7.24
CA PRO A 15 29.88 11.92 8.11
C PRO A 15 28.68 11.22 7.48
N ARG A 16 28.47 9.96 7.83
CA ARG A 16 27.51 9.09 7.15
C ARG A 16 26.05 9.51 7.31
N PHE A 17 25.79 10.42 8.24
CA PHE A 17 24.40 10.85 8.47
C PHE A 17 24.09 12.06 7.61
N ALA A 18 25.11 12.55 6.91
CA ALA A 18 25.03 13.79 6.13
C ALA A 18 25.19 13.49 4.64
N GLY A 19 24.88 14.48 3.81
CA GLY A 19 24.93 14.33 2.37
C GLY A 19 23.62 13.82 1.81
N ILE A 20 23.36 14.10 0.54
CA ILE A 20 22.12 13.68 -0.11
C ILE A 20 22.11 12.15 -0.18
N PRO A 21 21.02 11.52 0.26
CA PRO A 21 21.05 10.06 0.40
C PRO A 21 20.79 9.28 -0.91
N THR A 22 21.82 9.14 -1.74
CA THR A 22 21.75 8.27 -2.91
C THR A 22 22.25 6.87 -2.52
N PHE A 23 22.00 5.85 -3.36
CA PHE A 23 22.52 4.52 -3.05
C PHE A 23 24.02 4.59 -2.82
N MET A 24 24.46 4.07 -1.67
CA MET A 24 25.88 4.01 -1.30
C MET A 24 26.53 5.41 -1.31
N ARG A 25 25.71 6.47 -1.28
CA ARG A 25 26.19 7.87 -1.39
C ARG A 25 27.04 8.09 -2.62
N LEU A 26 26.67 7.45 -3.71
CA LEU A 26 27.36 7.61 -4.98
C LEU A 26 26.76 8.81 -5.71
N PRO A 27 27.42 9.27 -6.79
CA PRO A 27 26.78 10.29 -7.62
C PRO A 27 25.53 9.75 -8.30
N ALA A 28 24.58 10.64 -8.58
CA ALA A 28 23.39 10.29 -9.33
C ALA A 28 23.63 10.42 -10.84
N PHE A 29 23.07 9.47 -11.60
CA PHE A 29 23.25 9.42 -13.05
C PHE A 29 21.90 9.27 -13.73
N THR A 30 21.82 9.79 -14.95
CA THR A 30 20.61 9.69 -15.74
C THR A 30 20.85 8.87 -17.03
N ASP A 31 22.11 8.70 -17.39
CA ASP A 31 22.46 7.98 -18.58
C ASP A 31 23.09 6.65 -18.21
N PRO A 32 22.40 5.54 -18.53
CA PRO A 32 22.90 4.20 -18.23
C PRO A 32 24.29 3.95 -18.80
N ALA A 33 24.56 4.51 -19.97
CA ALA A 33 25.86 4.32 -20.67
C ALA A 33 27.05 4.85 -19.87
N ALA A 34 26.79 5.76 -18.92
CA ALA A 34 27.85 6.28 -18.06
C ALA A 34 28.34 5.24 -17.04
N LEU A 35 27.63 4.11 -16.90
CA LEU A 35 27.88 3.14 -15.83
C LEU A 35 28.04 1.69 -16.31
N GLN A 36 28.76 0.88 -15.53
CA GLN A 36 28.87 -0.55 -15.80
C GLN A 36 27.91 -1.35 -14.93
N VAL A 37 27.63 -0.83 -13.73
CA VAL A 37 26.60 -1.39 -12.85
C VAL A 37 25.71 -0.21 -12.40
N GLY A 38 24.43 -0.30 -12.71
CA GLY A 38 23.45 0.74 -12.32
C GLY A 38 22.63 0.33 -11.12
N LEU A 39 22.58 1.20 -10.11
CA LEU A 39 21.79 0.98 -8.91
C LEU A 39 20.47 1.67 -9.08
N ILE A 40 19.41 0.87 -9.10
CA ILE A 40 18.11 1.38 -9.52
C ILE A 40 17.04 1.06 -8.50
N GLY A 41 16.19 2.04 -8.22
CA GLY A 41 15.04 1.80 -7.40
C GLY A 41 13.80 1.50 -8.24
N VAL A 42 12.97 0.55 -7.79
CA VAL A 42 11.68 0.35 -8.44
C VAL A 42 10.54 0.44 -7.42
N PRO A 43 10.09 1.67 -7.18
CA PRO A 43 9.18 1.94 -6.06
C PRO A 43 7.75 1.60 -6.45
N TRP A 44 7.42 0.32 -6.44
CA TRP A 44 6.18 -0.14 -7.03
C TRP A 44 5.65 -1.37 -6.30
N ASP A 45 4.43 -1.28 -5.80
CA ASP A 45 3.84 -2.43 -5.10
C ASP A 45 2.41 -2.73 -5.57
N GLY A 46 2.14 -2.36 -6.82
CA GLY A 46 0.85 -2.69 -7.48
C GLY A 46 0.51 -4.19 -7.46
N GLY A 47 1.52 -5.04 -7.44
CA GLY A 47 1.30 -6.49 -7.40
C GLY A 47 0.96 -7.05 -6.03
N THR A 48 0.91 -6.19 -5.01
CA THR A 48 0.76 -6.70 -3.64
C THR A 48 -0.69 -7.07 -3.28
N THR A 49 -0.88 -8.32 -2.88
CA THR A 49 -2.22 -8.85 -2.57
C THR A 49 -2.61 -8.75 -1.10
N ASN A 50 -1.63 -8.49 -0.24
CA ASN A 50 -1.84 -8.40 1.19
C ASN A 50 -1.38 -7.03 1.73
N ARG A 51 -0.21 -6.98 2.37
CA ARG A 51 0.23 -5.73 3.02
C ARG A 51 1.11 -4.96 2.06
N ALA A 52 0.62 -3.81 1.59
CA ALA A 52 1.40 -3.01 0.67
C ALA A 52 2.41 -2.15 1.41
N GLY A 53 3.24 -1.40 0.68
CA GLY A 53 4.17 -0.49 1.32
C GLY A 53 5.58 -0.58 0.75
N ALA A 54 5.87 -1.62 -0.03
CA ALA A 54 7.17 -1.78 -0.69
C ALA A 54 7.51 -0.65 -1.66
N ARG A 55 6.51 0.16 -2.01
CA ARG A 55 6.76 1.34 -2.84
C ARG A 55 7.76 2.28 -2.17
N HIS A 56 7.84 2.23 -0.85
CA HIS A 56 8.79 3.09 -0.10
C HIS A 56 10.17 2.47 0.10
N GLY A 57 10.31 1.21 -0.28
CA GLY A 57 11.56 0.49 -0.04
C GLY A 57 12.81 1.15 -0.59
N PRO A 58 12.77 1.58 -1.86
CA PRO A 58 13.98 2.14 -2.41
C PRO A 58 14.46 3.41 -1.69
N ARG A 59 13.53 4.24 -1.25
CA ARG A 59 13.95 5.44 -0.52
C ARG A 59 14.67 5.06 0.79
N GLU A 60 14.12 4.12 1.53
CA GLU A 60 14.71 3.83 2.84
C GLU A 60 15.97 2.98 2.70
N VAL A 61 16.02 2.13 1.68
CA VAL A 61 17.30 1.44 1.38
C VAL A 61 18.39 2.45 0.96
N ARG A 62 18.04 3.48 0.18
CA ARG A 62 19.03 4.51 -0.15
C ARG A 62 19.54 5.12 1.13
N ASN A 63 18.61 5.45 2.01
CA ASN A 63 18.93 6.08 3.28
C ASN A 63 19.91 5.29 4.13
N LEU A 64 19.56 4.03 4.40
CA LEU A 64 20.39 3.16 5.20
C LEU A 64 21.68 2.73 4.52
N SER A 65 21.70 2.75 3.19
CA SER A 65 22.92 2.39 2.45
C SER A 65 24.09 3.35 2.73
N SER A 66 23.81 4.49 3.39
CA SER A 66 24.86 5.38 3.90
C SER A 66 25.81 4.68 4.86
N LEU A 67 25.39 3.56 5.44
CA LEU A 67 26.25 2.86 6.42
C LEU A 67 27.26 1.94 5.76
N MET A 68 27.10 1.69 4.46
CA MET A 68 27.99 0.79 3.74
C MET A 68 29.33 1.47 3.47
N ARG A 69 30.40 0.67 3.52
CA ARG A 69 31.75 1.20 3.30
C ARG A 69 32.26 0.78 1.91
N LYS A 70 33.53 1.03 1.62
CA LYS A 70 34.03 0.87 0.25
C LYS A 70 34.52 -0.52 -0.11
N VAL A 71 34.85 -1.33 0.89
CA VAL A 71 35.50 -2.60 0.61
C VAL A 71 34.89 -3.76 1.39
N HIS A 72 34.67 -4.87 0.69
CA HIS A 72 34.15 -6.07 1.32
C HIS A 72 35.21 -6.72 2.21
N HIS A 73 34.85 -7.08 3.45
CA HIS A 73 35.90 -7.45 4.43
C HIS A 73 36.37 -8.89 4.26
N VAL A 74 35.59 -9.69 3.55
CA VAL A 74 35.99 -11.07 3.32
C VAL A 74 36.68 -11.18 1.96
N SER A 75 35.96 -10.81 0.92
CA SER A 75 36.44 -10.96 -0.44
C SER A 75 37.48 -9.88 -0.80
N ARG A 76 37.43 -8.76 -0.10
CA ARG A 76 38.30 -7.61 -0.36
C ARG A 76 38.03 -6.99 -1.74
N ILE A 77 36.88 -7.35 -2.33
CA ILE A 77 36.41 -6.65 -3.51
C ILE A 77 36.15 -5.19 -3.17
N ALA A 78 36.64 -4.30 -4.03
CA ALA A 78 36.38 -2.88 -3.90
C ALA A 78 35.61 -2.50 -5.17
N PRO A 79 34.26 -2.60 -5.13
CA PRO A 79 33.43 -2.51 -6.34
C PRO A 79 33.63 -1.24 -7.16
N TYR A 80 33.75 -0.11 -6.47
CA TYR A 80 33.83 1.17 -7.15
C TYR A 80 35.16 1.38 -7.85
N ASP A 81 36.22 0.70 -7.39
CA ASP A 81 37.52 0.71 -8.09
C ASP A 81 37.49 -0.24 -9.27
N LEU A 82 36.86 -1.40 -9.09
CA LEU A 82 36.74 -2.38 -10.17
C LEU A 82 35.99 -1.87 -11.39
N VAL A 83 34.84 -1.23 -11.17
CA VAL A 83 33.99 -0.79 -12.29
C VAL A 83 33.28 0.51 -11.96
N ARG A 84 32.58 1.09 -12.93
CA ARG A 84 31.81 2.29 -12.71
C ARG A 84 30.41 1.98 -12.19
N VAL A 85 30.14 2.45 -10.98
CA VAL A 85 28.87 2.25 -10.27
C VAL A 85 28.21 3.60 -10.00
N GLY A 86 26.90 3.64 -10.14
CA GLY A 86 26.17 4.88 -9.90
C GLY A 86 24.73 4.68 -9.52
N ASP A 87 24.12 5.72 -8.95
CA ASP A 87 22.68 5.71 -8.63
C ASP A 87 21.96 6.20 -9.87
N LEU A 88 21.29 5.28 -10.54
CA LEU A 88 20.58 5.56 -11.76
C LEU A 88 19.17 6.09 -11.51
N GLY A 89 18.85 6.43 -10.27
CA GLY A 89 17.52 6.96 -9.98
C GLY A 89 16.51 5.83 -9.89
N ASP A 90 15.23 6.18 -10.02
CA ASP A 90 14.14 5.21 -9.97
C ASP A 90 13.53 4.96 -11.33
N ALA A 91 13.17 3.69 -11.60
CA ALA A 91 12.37 3.38 -12.77
C ALA A 91 11.02 4.13 -12.72
N PRO A 92 10.47 4.51 -13.89
CA PRO A 92 9.15 5.15 -13.93
C PRO A 92 8.07 4.16 -13.46
N VAL A 93 7.14 4.65 -12.64
CA VAL A 93 6.13 3.82 -12.01
C VAL A 93 4.78 4.57 -12.02
N ASN A 94 3.68 3.81 -12.03
CA ASN A 94 2.32 4.36 -11.94
C ASN A 94 1.55 3.59 -10.86
N PRO A 95 1.38 4.21 -9.68
CA PRO A 95 0.77 3.53 -8.52
C PRO A 95 -0.70 3.15 -8.71
N ILE A 96 -1.34 3.73 -9.73
CA ILE A 96 -2.76 3.54 -9.97
C ILE A 96 -3.06 2.46 -11.02
N ASP A 97 -2.11 2.23 -11.92
CA ASP A 97 -2.33 1.42 -13.12
C ASP A 97 -1.19 0.43 -13.26
N LEU A 98 -1.47 -0.82 -12.92
CA LEU A 98 -0.51 -1.90 -12.86
C LEU A 98 0.08 -2.20 -14.25
N LEU A 99 -0.79 -2.29 -15.24
CA LEU A 99 -0.36 -2.59 -16.61
C LEU A 99 0.50 -1.48 -17.19
N ASP A 100 0.14 -0.24 -16.90
CA ASP A 100 0.97 0.88 -17.30
C ASP A 100 2.37 0.85 -16.63
N SER A 101 2.44 0.49 -15.34
CA SER A 101 3.73 0.41 -14.65
C SER A 101 4.63 -0.68 -15.24
N LEU A 102 4.05 -1.84 -15.53
CA LEU A 102 4.74 -2.93 -16.19
C LEU A 102 5.37 -2.48 -17.50
N ARG A 103 4.59 -1.77 -18.32
CA ARG A 103 5.11 -1.23 -19.57
C ARG A 103 6.27 -0.27 -19.33
N ARG A 104 6.05 0.68 -18.42
CA ARG A 104 7.02 1.75 -18.21
C ARG A 104 8.31 1.21 -17.61
N ILE A 105 8.17 0.26 -16.67
CA ILE A 105 9.34 -0.32 -16.04
C ILE A 105 10.19 -1.09 -17.03
N GLU A 106 9.54 -1.92 -17.87
CA GLU A 106 10.29 -2.67 -18.88
C GLU A 106 11.03 -1.73 -19.84
N GLY A 107 10.37 -0.64 -20.25
CA GLY A 107 10.95 0.34 -21.18
C GLY A 107 12.24 0.92 -20.63
N PHE A 108 12.23 1.25 -19.34
CA PHE A 108 13.43 1.72 -18.65
C PHE A 108 14.53 0.67 -18.69
N TYR A 109 14.21 -0.57 -18.31
CA TYR A 109 15.22 -1.61 -18.26
C TYR A 109 15.75 -2.01 -19.63
N ARG A 110 14.93 -1.88 -20.66
CA ARG A 110 15.43 -2.09 -22.05
C ARG A 110 16.56 -1.10 -22.39
N GLN A 111 16.43 0.13 -21.90
CA GLN A 111 17.45 1.16 -22.12
C GLN A 111 18.71 0.84 -21.34
N VAL A 112 18.53 0.46 -20.08
CA VAL A 112 19.64 0.08 -19.24
C VAL A 112 20.38 -1.09 -19.94
N HIS A 113 19.62 -2.10 -20.36
CA HIS A 113 20.21 -3.29 -20.98
C HIS A 113 20.92 -2.92 -22.32
N ALA A 114 20.27 -2.08 -23.12
CA ALA A 114 20.86 -1.68 -24.41
C ALA A 114 22.21 -0.98 -24.22
N ALA A 115 22.42 -0.35 -23.07
CA ALA A 115 23.71 0.31 -22.82
C ALA A 115 24.74 -0.66 -22.28
N GLY A 116 24.36 -1.93 -22.12
CA GLY A 116 25.29 -2.93 -21.61
C GLY A 116 25.53 -2.77 -20.10
N THR A 117 24.64 -2.06 -19.42
CA THR A 117 24.78 -1.84 -17.97
C THR A 117 24.10 -2.98 -17.18
N LEU A 118 24.77 -3.51 -16.16
CA LEU A 118 24.16 -4.53 -15.31
C LEU A 118 23.34 -3.85 -14.21
N PRO A 119 22.05 -4.23 -14.08
CA PRO A 119 21.19 -3.60 -13.08
C PRO A 119 21.23 -4.27 -11.71
N LEU A 120 21.36 -3.45 -10.68
CA LEU A 120 21.24 -3.92 -9.32
C LEU A 120 20.09 -3.12 -8.72
N SER A 121 18.96 -3.77 -8.52
CA SER A 121 17.68 -3.06 -8.33
C SER A 121 17.11 -3.30 -6.95
N VAL A 122 16.42 -2.29 -6.43
CA VAL A 122 15.74 -2.39 -5.13
C VAL A 122 14.25 -2.16 -5.37
N GLY A 123 13.41 -3.12 -4.95
CA GLY A 123 11.96 -2.96 -5.07
C GLY A 123 11.42 -2.22 -3.84
N GLY A 124 10.10 -2.07 -3.75
CA GLY A 124 9.14 -2.69 -4.67
C GLY A 124 8.88 -4.13 -4.29
N ASP A 125 7.70 -4.63 -4.64
CA ASP A 125 7.38 -6.02 -4.42
C ASP A 125 7.95 -6.87 -5.56
N HIS A 126 7.78 -8.19 -5.49
CA HIS A 126 8.52 -9.08 -6.39
C HIS A 126 8.02 -9.03 -7.85
N LEU A 127 6.85 -8.41 -8.07
CA LEU A 127 6.37 -8.28 -9.45
C LEU A 127 7.31 -7.41 -10.27
N VAL A 128 8.07 -6.55 -9.60
CA VAL A 128 9.05 -5.71 -10.29
C VAL A 128 10.08 -6.53 -11.08
N THR A 129 10.34 -7.76 -10.66
CA THR A 129 11.35 -8.58 -11.34
C THR A 129 10.89 -9.00 -12.75
N LEU A 130 9.59 -9.16 -12.94
CA LEU A 130 9.05 -9.50 -14.26
C LEU A 130 9.44 -8.53 -15.38
N PRO A 131 9.09 -7.22 -15.28
CA PRO A 131 9.50 -6.32 -16.36
C PRO A 131 11.01 -6.24 -16.55
N ILE A 132 11.78 -6.35 -15.47
CA ILE A 132 13.23 -6.49 -15.57
C ILE A 132 13.63 -7.69 -16.46
N PHE A 133 13.06 -8.86 -16.18
CA PHE A 133 13.35 -10.06 -16.97
C PHE A 133 12.89 -9.89 -18.42
N ARG A 134 11.78 -9.19 -18.62
CA ARG A 134 11.32 -8.88 -19.98
C ARG A 134 12.37 -8.12 -20.77
N ALA A 135 13.12 -7.23 -20.10
CA ALA A 135 14.23 -6.56 -20.76
C ALA A 135 15.47 -7.42 -20.89
N LEU A 136 15.88 -8.04 -19.79
CA LEU A 136 17.18 -8.73 -19.73
C LEU A 136 17.16 -10.10 -20.37
N GLY A 137 15.98 -10.70 -20.48
CA GLY A 137 15.87 -12.07 -21.00
C GLY A 137 15.29 -12.10 -22.41
N ARG A 138 15.24 -10.92 -23.04
CA ARG A 138 14.56 -10.74 -24.32
C ARG A 138 15.25 -11.49 -25.48
N GLU A 139 16.59 -11.47 -25.52
CA GLU A 139 17.31 -12.24 -26.55
C GLU A 139 17.61 -13.68 -26.16
N ARG A 140 18.10 -13.87 -24.82
CA ARG A 140 18.37 -15.21 -24.35
C ARG A 140 17.78 -15.44 -22.96
N PRO A 141 17.34 -16.62 -22.59
CA PRO A 141 16.79 -16.82 -21.27
C PRO A 141 17.83 -16.72 -20.15
N LEU A 142 17.35 -16.38 -18.95
CA LEU A 142 18.21 -16.21 -17.77
C LEU A 142 18.12 -17.47 -16.93
N GLY A 143 19.19 -17.79 -16.20
CA GLY A 143 19.11 -18.67 -15.05
C GLY A 143 18.87 -17.81 -13.80
N MET A 144 18.52 -18.41 -12.67
CA MET A 144 18.32 -17.60 -11.45
C MET A 144 18.58 -18.37 -10.16
N VAL A 145 19.21 -17.69 -9.20
CA VAL A 145 19.22 -18.11 -7.80
C VAL A 145 18.25 -17.15 -7.10
N HIS A 146 17.19 -17.71 -6.54
CA HIS A 146 16.07 -16.94 -6.00
C HIS A 146 15.89 -17.30 -4.51
N PHE A 147 16.10 -16.33 -3.63
CA PHE A 147 15.96 -16.51 -2.18
C PHE A 147 14.58 -15.99 -1.77
N ASP A 148 13.74 -16.84 -1.20
CA ASP A 148 12.36 -16.44 -0.92
C ASP A 148 11.67 -17.41 0.05
N ALA A 149 10.74 -16.89 0.85
CA ALA A 149 9.84 -17.77 1.59
C ALA A 149 8.78 -18.39 0.65
N HIS A 150 8.61 -17.81 -0.54
CA HIS A 150 7.56 -18.21 -1.50
C HIS A 150 8.09 -18.45 -2.92
N SER A 151 7.53 -19.43 -3.62
CA SER A 151 7.99 -19.71 -4.98
C SER A 151 7.62 -18.62 -5.97
N ASP A 152 6.51 -17.89 -5.72
CA ASP A 152 6.07 -16.81 -6.62
C ASP A 152 5.82 -17.34 -8.03
N THR A 153 5.32 -18.56 -8.12
CA THR A 153 4.96 -19.12 -9.41
C THR A 153 3.46 -19.45 -9.45
N ASN A 154 2.66 -18.63 -8.77
CA ASN A 154 1.20 -18.79 -8.86
C ASN A 154 0.71 -18.40 -10.24
N ASP A 155 -0.53 -18.79 -10.55
CA ASP A 155 -1.09 -18.58 -11.87
C ASP A 155 -1.97 -17.32 -11.90
N ARG A 156 -3.10 -17.36 -11.20
CA ARG A 156 -4.05 -16.24 -11.22
C ARG A 156 -4.47 -15.86 -9.80
N TYR A 157 -4.86 -14.60 -9.62
CA TYR A 157 -5.45 -14.13 -8.34
C TYR A 157 -6.79 -13.44 -8.58
N PHE A 158 -7.74 -13.63 -7.66
CA PHE A 158 -9.04 -12.94 -7.71
C PHE A 158 -9.61 -12.89 -9.14
N GLY A 159 -9.75 -14.05 -9.77
CA GLY A 159 -10.26 -14.12 -11.13
C GLY A 159 -9.18 -14.37 -12.16
N ASP A 160 -9.06 -13.46 -13.13
CA ASP A 160 -8.10 -13.64 -14.22
C ASP A 160 -7.08 -12.51 -14.27
N ASN A 161 -6.42 -12.31 -13.13
CA ASN A 161 -5.35 -11.35 -12.99
C ASN A 161 -4.03 -12.13 -12.93
N PRO A 162 -3.24 -12.07 -14.02
CA PRO A 162 -2.05 -12.91 -14.11
C PRO A 162 -0.79 -12.25 -13.55
N TYR A 163 -0.93 -11.02 -13.05
CA TYR A 163 0.22 -10.25 -12.58
C TYR A 163 0.08 -9.82 -11.13
N THR A 164 0.78 -10.51 -10.24
CA THR A 164 0.86 -10.10 -8.83
C THR A 164 2.28 -10.44 -8.40
N HIS A 165 2.65 -9.98 -7.22
CA HIS A 165 3.97 -10.30 -6.68
C HIS A 165 4.12 -11.81 -6.46
N GLY A 166 3.03 -12.56 -6.58
CA GLY A 166 3.06 -14.01 -6.44
C GLY A 166 3.08 -14.78 -7.76
N THR A 167 3.07 -14.07 -8.90
CA THR A 167 3.12 -14.76 -10.21
C THR A 167 4.36 -14.53 -11.09
N PRO A 168 5.31 -13.70 -10.67
CA PRO A 168 6.25 -13.21 -11.70
C PRO A 168 7.08 -14.31 -12.38
N PHE A 169 7.50 -15.32 -11.64
CA PHE A 169 8.40 -16.30 -12.22
C PHE A 169 7.67 -17.33 -13.06
N ARG A 170 6.37 -17.48 -12.81
CA ARG A 170 5.55 -18.31 -13.68
C ARG A 170 5.43 -17.60 -15.03
N ARG A 171 5.04 -16.33 -14.98
CA ARG A 171 5.02 -15.48 -16.18
C ARG A 171 6.35 -15.50 -16.92
N ALA A 172 7.44 -15.35 -16.18
CA ALA A 172 8.78 -15.31 -16.80
C ALA A 172 9.12 -16.59 -17.58
N ILE A 173 8.76 -17.73 -17.00
CA ILE A 173 8.97 -19.03 -17.63
C ILE A 173 8.06 -19.19 -18.86
N GLU A 174 6.78 -18.86 -18.73
CA GLU A 174 5.84 -18.91 -19.84
C GLU A 174 6.30 -18.02 -21.00
N GLU A 175 6.83 -16.84 -20.67
CA GLU A 175 7.30 -15.91 -21.69
C GLU A 175 8.68 -16.28 -22.25
N GLY A 176 9.28 -17.34 -21.74
CA GLY A 176 10.59 -17.79 -22.27
C GLY A 176 11.79 -16.95 -21.78
N LEU A 177 11.61 -16.21 -20.69
CA LEU A 177 12.65 -15.30 -20.21
C LEU A 177 13.54 -15.93 -19.17
N LEU A 178 12.97 -16.89 -18.45
CA LEU A 178 13.64 -17.59 -17.39
C LEU A 178 13.69 -19.07 -17.74
N ASP A 179 14.89 -19.63 -17.71
CA ASP A 179 15.10 -21.06 -17.97
C ASP A 179 14.84 -21.85 -16.66
N PRO A 180 13.73 -22.60 -16.60
CA PRO A 180 13.40 -23.27 -15.34
C PRO A 180 14.43 -24.33 -14.87
N LEU A 181 15.15 -24.96 -15.79
CA LEU A 181 16.20 -25.94 -15.36
C LEU A 181 17.41 -25.27 -14.76
N ARG A 182 17.59 -23.98 -15.02
CA ARG A 182 18.66 -23.25 -14.36
C ARG A 182 18.09 -22.32 -13.29
N THR A 183 16.98 -22.71 -12.68
CA THR A 183 16.37 -21.94 -11.60
C THR A 183 16.39 -22.74 -10.31
N VAL A 184 16.88 -22.11 -9.27
CA VAL A 184 16.88 -22.73 -7.95
C VAL A 184 16.33 -21.72 -6.93
N GLN A 185 15.38 -22.20 -6.12
CA GLN A 185 14.68 -21.35 -5.13
C GLN A 185 15.02 -21.86 -3.74
N ILE A 186 15.44 -20.95 -2.86
CA ILE A 186 15.94 -21.31 -1.55
C ILE A 186 15.20 -20.60 -0.43
N GLY A 187 14.69 -21.36 0.54
CA GLY A 187 14.08 -20.79 1.73
C GLY A 187 12.56 -20.96 1.82
N ILE A 188 11.96 -21.61 0.82
CA ILE A 188 10.52 -21.77 0.72
C ILE A 188 9.91 -22.40 1.98
N ARG A 189 8.88 -21.77 2.53
CA ARG A 189 8.24 -22.26 3.78
C ARG A 189 6.87 -21.60 4.07
N GLY A 190 6.12 -22.20 4.99
CA GLY A 190 4.86 -21.62 5.45
C GLY A 190 3.66 -22.31 4.85
N SER A 191 2.51 -22.20 5.52
CA SER A 191 1.28 -22.85 5.05
C SER A 191 0.98 -22.49 3.59
N VAL A 192 0.31 -23.41 2.90
CA VAL A 192 -0.06 -23.24 1.49
C VAL A 192 -1.57 -23.47 1.30
N TYR A 193 -2.05 -23.17 0.09
CA TYR A 193 -3.46 -23.34 -0.28
C TYR A 193 -3.89 -24.80 -0.49
N SER A 194 -3.09 -25.55 -1.24
CA SER A 194 -3.37 -26.95 -1.50
C SER A 194 -2.05 -27.71 -1.67
N PRO A 195 -2.08 -29.05 -1.56
CA PRO A 195 -0.87 -29.83 -1.85
C PRO A 195 -0.53 -29.80 -3.35
N ASP A 196 -1.21 -28.94 -4.10
CA ASP A 196 -1.01 -28.78 -5.55
C ASP A 196 -0.15 -27.56 -5.91
N ASP A 197 0.65 -27.08 -4.96
CA ASP A 197 1.49 -25.90 -5.18
C ASP A 197 2.76 -26.21 -5.98
N ASP A 198 3.50 -27.23 -5.54
CA ASP A 198 4.72 -27.70 -6.21
C ASP A 198 4.46 -28.36 -7.58
N ALA A 199 3.21 -28.31 -8.08
CA ALA A 199 2.85 -28.89 -9.36
C ALA A 199 3.62 -28.21 -10.48
N PHE A 200 3.43 -26.90 -10.63
CA PHE A 200 4.12 -26.09 -11.62
C PHE A 200 5.65 -26.25 -11.56
N ALA A 201 6.21 -26.25 -10.35
CA ALA A 201 7.66 -26.40 -10.17
C ALA A 201 8.15 -27.76 -10.68
N ARG A 202 7.39 -28.81 -10.39
CA ARG A 202 7.77 -30.14 -10.82
C ARG A 202 7.63 -30.25 -12.34
N GLU A 203 6.55 -29.70 -12.87
CA GLU A 203 6.34 -29.67 -14.30
C GLU A 203 7.49 -28.95 -15.00
N CYS A 204 8.00 -27.87 -14.39
CA CYS A 204 9.01 -27.04 -15.02
C CYS A 204 10.44 -27.51 -14.79
N GLY A 205 10.65 -28.32 -13.77
CA GLY A 205 11.99 -28.80 -13.41
C GLY A 205 12.77 -27.82 -12.53
N ILE A 206 12.06 -26.91 -11.87
CA ILE A 206 12.73 -25.95 -10.99
C ILE A 206 13.29 -26.68 -9.78
N ARG A 207 14.51 -26.37 -9.39
CA ARG A 207 15.02 -26.92 -8.15
C ARG A 207 14.50 -26.07 -6.99
N VAL A 208 13.77 -26.70 -6.07
CA VAL A 208 13.18 -25.99 -4.93
C VAL A 208 13.79 -26.48 -3.64
N ILE A 209 14.53 -25.60 -2.98
CA ILE A 209 15.11 -25.98 -1.69
C ILE A 209 14.30 -25.30 -0.60
N HIS A 210 13.27 -26.02 -0.14
CA HIS A 210 12.47 -25.58 1.01
C HIS A 210 13.33 -25.31 2.24
N MET A 211 12.83 -24.46 3.12
CA MET A 211 13.53 -24.16 4.38
C MET A 211 14.01 -25.42 5.09
N GLU A 212 13.15 -26.43 5.13
CA GLU A 212 13.47 -27.69 5.82
C GLU A 212 14.71 -28.33 5.21
N GLU A 213 14.76 -28.36 3.88
CA GLU A 213 15.90 -28.98 3.18
C GLU A 213 17.18 -28.15 3.28
N PHE A 214 17.01 -26.82 3.30
CA PHE A 214 18.13 -25.93 3.58
C PHE A 214 18.74 -26.21 4.94
N VAL A 215 17.89 -26.45 5.93
CA VAL A 215 18.38 -26.82 7.27
C VAL A 215 19.08 -28.20 7.28
N GLU A 216 18.47 -29.19 6.63
CA GLU A 216 19.10 -30.53 6.52
C GLU A 216 20.46 -30.52 5.80
N LEU A 217 20.58 -29.73 4.74
CA LEU A 217 21.82 -29.62 3.96
C LEU A 217 22.92 -28.75 4.60
N GLY A 218 22.50 -27.69 5.28
CA GLY A 218 23.45 -26.68 5.72
C GLY A 218 23.87 -25.80 4.54
N VAL A 219 24.56 -24.72 4.85
CA VAL A 219 24.93 -23.68 3.89
C VAL A 219 25.81 -24.18 2.75
N GLU A 220 26.91 -24.85 3.11
CA GLU A 220 27.85 -25.35 2.11
C GLU A 220 27.23 -26.24 1.04
N ALA A 221 26.41 -27.21 1.45
CA ALA A 221 25.80 -28.13 0.51
C ALA A 221 24.69 -27.45 -0.30
N THR A 222 23.99 -26.51 0.31
CA THR A 222 22.96 -25.77 -0.39
C THR A 222 23.60 -24.98 -1.53
N LEU A 223 24.70 -24.36 -1.22
CA LEU A 223 25.41 -23.57 -2.16
C LEU A 223 25.89 -24.40 -3.32
N ALA A 224 26.41 -25.57 -3.00
CA ALA A 224 26.89 -26.48 -3.99
C ALA A 224 25.78 -26.88 -4.95
N GLU A 225 24.63 -27.15 -4.38
CA GLU A 225 23.47 -27.51 -5.20
C GLU A 225 23.04 -26.32 -6.04
N ALA A 226 23.02 -25.12 -5.45
CA ALA A 226 22.64 -23.93 -6.21
C ALA A 226 23.58 -23.70 -7.39
N ARG A 227 24.89 -23.81 -7.16
CA ARG A 227 25.87 -23.53 -8.24
C ARG A 227 25.80 -24.60 -9.31
N ARG A 228 25.53 -25.84 -8.90
CA ARG A 228 25.29 -26.93 -9.85
C ARG A 228 24.11 -26.63 -10.77
N VAL A 229 23.02 -26.10 -10.20
CA VAL A 229 21.82 -25.83 -11.02
C VAL A 229 22.05 -24.78 -12.09
N VAL A 230 22.66 -23.66 -11.71
CA VAL A 230 22.79 -22.52 -12.62
C VAL A 230 24.02 -22.69 -13.52
N GLY A 231 24.99 -23.47 -13.04
CA GLY A 231 26.19 -23.75 -13.82
C GLY A 231 26.93 -22.49 -14.28
N ALA A 232 27.39 -22.50 -15.53
CA ALA A 232 28.23 -21.41 -16.04
C ALA A 232 27.42 -20.40 -16.86
N GLY A 233 26.11 -20.61 -16.97
CA GLY A 233 25.23 -19.76 -17.78
C GLY A 233 24.92 -18.40 -17.18
N PRO A 234 24.30 -17.51 -17.98
CA PRO A 234 23.90 -16.18 -17.51
C PRO A 234 22.92 -16.33 -16.34
N THR A 235 23.19 -15.64 -15.23
CA THR A 235 22.45 -15.90 -14.00
C THR A 235 22.07 -14.62 -13.28
N TYR A 236 20.81 -14.55 -12.85
CA TYR A 236 20.30 -13.41 -12.13
C TYR A 236 20.08 -13.83 -10.69
N VAL A 237 20.35 -12.92 -9.75
CA VAL A 237 20.05 -13.22 -8.34
C VAL A 237 18.93 -12.33 -7.86
N SER A 238 17.86 -12.95 -7.38
CA SER A 238 16.77 -12.19 -6.87
C SER A 238 16.55 -12.53 -5.39
N PHE A 239 16.64 -11.52 -4.53
CA PHE A 239 16.59 -11.72 -3.09
C PHE A 239 15.34 -11.06 -2.47
N ASP A 240 14.40 -11.88 -2.04
CA ASP A 240 13.19 -11.40 -1.39
C ASP A 240 13.51 -11.46 0.12
N VAL A 241 13.45 -10.31 0.79
CA VAL A 241 13.89 -10.23 2.17
C VAL A 241 13.04 -11.10 3.08
N ASP A 242 11.84 -11.48 2.64
CA ASP A 242 11.01 -12.36 3.47
C ASP A 242 11.55 -13.83 3.51
N VAL A 243 12.62 -14.12 2.77
CA VAL A 243 13.37 -15.37 3.00
C VAL A 243 13.92 -15.40 4.43
N LEU A 244 14.27 -14.23 4.94
CA LEU A 244 14.81 -14.12 6.29
C LEU A 244 13.72 -14.24 7.35
N ASP A 245 14.07 -14.75 8.54
CA ASP A 245 13.09 -14.75 9.63
C ASP A 245 12.67 -13.31 9.93
N PRO A 246 11.39 -13.10 10.28
CA PRO A 246 10.91 -11.79 10.68
C PRO A 246 11.78 -11.12 11.75
N ALA A 247 12.54 -11.88 12.54
CA ALA A 247 13.44 -11.28 13.52
C ALA A 247 14.49 -10.36 12.87
N PHE A 248 14.95 -10.74 11.68
CA PHE A 248 15.95 -9.97 10.90
C PHE A 248 15.30 -9.05 9.88
N ALA A 249 14.13 -9.43 9.38
CA ALA A 249 13.45 -8.61 8.37
C ALA A 249 11.97 -8.46 8.67
N PRO A 250 11.64 -7.64 9.70
CA PRO A 250 10.24 -7.43 10.08
C PRO A 250 9.46 -6.65 9.03
N GLY A 251 10.16 -5.79 8.28
CA GLY A 251 9.54 -4.87 7.34
C GLY A 251 9.24 -5.51 6.00
N THR A 252 8.26 -6.39 5.95
CA THR A 252 7.98 -7.06 4.69
C THR A 252 6.51 -7.45 4.65
N GLY A 253 5.95 -7.50 3.44
CA GLY A 253 4.51 -7.64 3.30
C GLY A 253 3.96 -8.97 3.72
N THR A 254 4.68 -10.05 3.40
CA THR A 254 4.18 -11.41 3.63
C THR A 254 5.14 -12.24 4.50
N PRO A 255 5.27 -11.87 5.79
CA PRO A 255 6.22 -12.59 6.66
C PRO A 255 5.80 -14.04 6.89
N GLU A 256 6.80 -14.93 7.03
CA GLU A 256 6.57 -16.31 7.42
C GLU A 256 7.63 -16.64 8.46
N ILE A 257 7.22 -17.09 9.65
CA ILE A 257 8.21 -17.30 10.74
C ILE A 257 9.14 -18.49 10.43
N GLY A 258 10.25 -18.57 11.17
CA GLY A 258 11.18 -19.69 11.04
C GLY A 258 12.00 -19.63 9.76
N GLY A 259 12.63 -18.47 9.53
CA GLY A 259 13.38 -18.25 8.27
C GLY A 259 14.89 -18.22 8.39
N MET A 260 15.53 -17.76 7.32
CA MET A 260 16.96 -17.69 7.22
C MET A 260 17.48 -16.60 8.14
N THR A 261 18.72 -16.73 8.62
CA THR A 261 19.31 -15.60 9.35
C THR A 261 20.03 -14.66 8.37
N SER A 262 20.26 -13.40 8.76
CA SER A 262 21.04 -12.48 7.92
C SER A 262 22.41 -13.09 7.67
N LEU A 263 22.98 -13.67 8.71
CA LEU A 263 24.28 -14.31 8.57
C LEU A 263 24.27 -15.42 7.47
N GLN A 264 23.28 -16.30 7.52
CA GLN A 264 23.13 -17.33 6.48
C GLN A 264 22.98 -16.74 5.07
N ALA A 265 22.19 -15.67 4.95
CA ALA A 265 22.00 -15.00 3.65
C ALA A 265 23.30 -14.42 3.08
N GLN A 266 24.10 -13.82 3.94
CA GLN A 266 25.40 -13.28 3.53
C GLN A 266 26.31 -14.41 3.07
N GLN A 267 26.34 -15.50 3.83
CA GLN A 267 27.19 -16.65 3.46
C GLN A 267 26.75 -17.24 2.12
N LEU A 268 25.44 -17.36 1.91
CA LEU A 268 24.98 -17.95 0.65
C LEU A 268 25.31 -17.05 -0.54
N VAL A 269 25.07 -15.74 -0.38
CA VAL A 269 25.33 -14.81 -1.46
C VAL A 269 26.84 -14.73 -1.80
N ARG A 270 27.68 -14.65 -0.78
CA ARG A 270 29.13 -14.65 -0.99
C ARG A 270 29.63 -15.86 -1.80
N GLY A 271 29.05 -17.03 -1.53
CA GLY A 271 29.38 -18.26 -2.26
C GLY A 271 28.95 -18.29 -3.72
N LEU A 272 28.28 -17.23 -4.16
CA LEU A 272 27.89 -17.09 -5.57
C LEU A 272 29.00 -16.43 -6.39
N ARG A 273 30.12 -16.10 -5.75
CA ARG A 273 31.21 -15.44 -6.42
C ARG A 273 31.73 -16.29 -7.59
N GLY A 274 32.06 -15.63 -8.70
CA GLY A 274 32.56 -16.35 -9.88
C GLY A 274 31.52 -16.70 -10.95
N LEU A 275 30.26 -16.76 -10.56
CA LEU A 275 29.21 -17.05 -11.52
C LEU A 275 29.09 -15.93 -12.54
N ASP A 276 28.47 -16.23 -13.68
CA ASP A 276 28.18 -15.20 -14.65
C ASP A 276 26.88 -14.46 -14.29
N LEU A 277 27.02 -13.45 -13.45
CA LEU A 277 25.88 -12.73 -12.87
C LEU A 277 25.56 -11.53 -13.73
N VAL A 278 24.33 -11.49 -14.25
CA VAL A 278 23.95 -10.47 -15.22
C VAL A 278 22.98 -9.43 -14.65
N GLY A 279 22.59 -9.63 -13.39
CA GLY A 279 21.79 -8.64 -12.69
C GLY A 279 21.36 -9.22 -11.36
N ALA A 280 20.82 -8.37 -10.49
CA ALA A 280 20.32 -8.85 -9.22
C ALA A 280 19.34 -7.86 -8.66
N ASP A 281 18.50 -8.30 -7.74
CA ASP A 281 17.62 -7.37 -7.05
C ASP A 281 17.40 -7.78 -5.60
N VAL A 282 16.91 -6.80 -4.81
CA VAL A 282 16.55 -6.99 -3.41
C VAL A 282 15.14 -6.44 -3.30
N VAL A 283 14.16 -7.32 -3.08
CA VAL A 283 12.76 -6.88 -3.17
C VAL A 283 12.02 -7.12 -1.87
N GLU A 284 10.84 -6.50 -1.77
CA GLU A 284 9.86 -6.67 -0.67
C GLU A 284 10.25 -5.98 0.64
N VAL A 285 11.25 -5.10 0.63
CA VAL A 285 11.45 -4.20 1.78
C VAL A 285 10.24 -3.28 1.90
N SER A 286 9.55 -3.31 3.04
CA SER A 286 8.32 -2.55 3.19
C SER A 286 8.39 -1.63 4.44
N PRO A 287 8.87 -0.40 4.24
CA PRO A 287 9.13 0.54 5.37
C PRO A 287 7.97 0.77 6.37
N PRO A 288 6.71 0.79 5.90
CA PRO A 288 5.63 0.95 6.88
C PRO A 288 5.55 -0.20 7.90
N PHE A 289 6.12 -1.36 7.58
CA PHE A 289 6.12 -2.45 8.56
C PHE A 289 7.49 -2.68 9.15
N ASP A 290 8.42 -1.77 8.87
CA ASP A 290 9.82 -1.94 9.31
C ASP A 290 9.98 -1.39 10.72
N VAL A 291 11.07 -1.78 11.40
CA VAL A 291 11.30 -1.34 12.77
C VAL A 291 12.65 -0.65 12.85
N GLY A 292 12.63 0.67 13.03
CA GLY A 292 13.85 1.49 13.09
C GLY A 292 14.77 1.23 11.91
N GLY A 293 14.17 1.03 10.72
CA GLY A 293 14.93 0.79 9.50
C GLY A 293 15.76 -0.50 9.45
N ALA A 294 15.44 -1.48 10.30
CA ALA A 294 16.19 -2.74 10.33
C ALA A 294 16.27 -3.42 8.97
N THR A 295 15.13 -3.47 8.27
CA THR A 295 14.98 -4.23 7.03
C THR A 295 15.63 -3.44 5.87
N ALA A 296 15.47 -2.13 5.92
CA ALA A 296 16.19 -1.22 5.03
C ALA A 296 17.70 -1.46 5.08
N LEU A 297 18.23 -1.59 6.29
CA LEU A 297 19.66 -1.88 6.45
C LEU A 297 20.03 -3.27 5.95
N VAL A 298 19.21 -4.27 6.27
CA VAL A 298 19.42 -5.60 5.68
C VAL A 298 19.41 -5.49 4.14
N GLY A 299 18.46 -4.74 3.60
CA GLY A 299 18.37 -4.56 2.15
C GLY A 299 19.64 -3.89 1.60
N ALA A 300 20.03 -2.77 2.20
CA ALA A 300 21.24 -2.06 1.79
C ALA A 300 22.46 -2.96 1.86
N THR A 301 22.55 -3.78 2.90
CA THR A 301 23.73 -4.64 3.03
C THR A 301 23.75 -5.77 2.00
N MET A 302 22.63 -6.46 1.80
CA MET A 302 22.56 -7.48 0.74
C MET A 302 22.83 -6.84 -0.64
N MET A 303 22.35 -5.61 -0.83
CA MET A 303 22.62 -4.89 -2.06
C MET A 303 24.13 -4.76 -2.25
N PHE A 304 24.83 -4.33 -1.20
CA PHE A 304 26.28 -4.26 -1.25
C PHE A 304 26.94 -5.62 -1.51
N GLU A 305 26.47 -6.67 -0.82
CA GLU A 305 27.04 -8.02 -1.03
C GLU A 305 26.94 -8.38 -2.53
N LEU A 306 25.77 -8.12 -3.11
CA LEU A 306 25.49 -8.41 -4.52
C LEU A 306 26.28 -7.52 -5.47
N LEU A 307 26.46 -6.25 -5.09
CA LEU A 307 27.21 -5.30 -5.88
C LEU A 307 28.64 -5.81 -6.10
N CYS A 308 29.23 -6.33 -5.06
CA CYS A 308 30.61 -6.79 -5.14
C CYS A 308 30.73 -7.88 -6.20
N LEU A 309 29.74 -8.76 -6.26
CA LEU A 309 29.77 -9.85 -7.24
C LEU A 309 29.46 -9.38 -8.64
N LEU A 310 28.51 -8.45 -8.78
CA LEU A 310 28.23 -7.90 -10.10
C LEU A 310 29.40 -7.08 -10.64
N ALA A 311 30.07 -6.33 -9.75
CA ALA A 311 31.28 -5.62 -10.16
C ALA A 311 32.28 -6.58 -10.83
N GLU A 312 32.51 -7.73 -10.22
CA GLU A 312 33.44 -8.72 -10.78
C GLU A 312 32.98 -9.22 -12.15
N SER A 313 31.68 -9.50 -12.28
CA SER A 313 31.16 -9.95 -13.59
C SER A 313 31.31 -8.84 -14.62
N ALA A 314 30.94 -7.62 -14.27
CA ALA A 314 31.09 -6.50 -15.20
C ALA A 314 32.55 -6.27 -15.58
N ALA A 315 33.46 -6.58 -14.65
CA ALA A 315 34.89 -6.36 -14.86
C ALA A 315 35.41 -7.38 -15.87
N ARG A 316 34.96 -8.62 -15.74
CA ARG A 316 35.39 -9.69 -16.65
C ARG A 316 34.85 -9.48 -18.06
N SER A 317 33.59 -9.09 -18.19
CA SER A 317 33.01 -8.91 -19.52
C SER A 317 33.59 -7.71 -20.27
N ALA A 318 34.06 -6.70 -19.53
CA ALA A 318 34.74 -5.53 -20.12
C ALA A 318 36.09 -5.91 -20.73
N ASP B 4 -36.73 -7.60 18.65
CA ASP B 4 -35.63 -7.30 19.57
C ASP B 4 -34.33 -6.85 18.85
N HIS B 5 -33.92 -5.62 19.09
CA HIS B 5 -32.78 -4.97 18.45
C HIS B 5 -31.45 -5.62 18.78
N PRO B 6 -30.56 -5.70 17.78
CA PRO B 6 -29.20 -6.15 18.05
C PRO B 6 -28.56 -5.26 19.11
N GLN B 7 -27.73 -5.84 19.96
CA GLN B 7 -27.03 -5.07 20.97
C GLN B 7 -25.56 -5.46 20.99
N PRO B 8 -24.69 -4.50 21.34
CA PRO B 8 -23.28 -4.82 21.48
C PRO B 8 -23.12 -5.77 22.66
N LEU B 9 -22.03 -6.51 22.71
CA LEU B 9 -21.71 -7.31 23.89
C LEU B 9 -21.84 -6.45 25.13
N ASP B 10 -22.32 -7.08 26.20
CA ASP B 10 -22.52 -6.42 27.47
C ASP B 10 -21.16 -6.23 28.16
N ALA B 11 -20.67 -4.99 28.25
CA ALA B 11 -19.38 -4.75 28.89
C ALA B 11 -19.40 -5.00 30.40
N ALA B 12 -20.60 -5.18 30.97
CA ALA B 12 -20.73 -5.54 32.37
C ALA B 12 -20.38 -7.01 32.62
N GLU B 13 -20.44 -7.83 31.58
CA GLU B 13 -20.13 -9.25 31.70
C GLU B 13 -18.99 -9.71 30.79
N ILE B 14 -18.71 -8.94 29.73
CA ILE B 14 -17.63 -9.23 28.81
C ILE B 14 -16.78 -7.99 28.63
N PRO B 15 -15.54 -8.01 29.18
CA PRO B 15 -14.68 -6.84 29.15
C PRO B 15 -14.35 -6.43 27.72
N ARG B 16 -13.99 -5.16 27.52
CA ARG B 16 -13.86 -4.55 26.20
C ARG B 16 -12.69 -5.10 25.37
N PHE B 17 -11.73 -5.75 26.03
CA PHE B 17 -10.60 -6.36 25.35
C PHE B 17 -10.96 -7.75 24.83
N ALA B 18 -12.16 -8.23 25.15
CA ALA B 18 -12.57 -9.59 24.85
C ALA B 18 -13.70 -9.64 23.82
N GLY B 19 -13.97 -10.83 23.30
CA GLY B 19 -15.03 -11.00 22.31
C GLY B 19 -14.51 -10.76 20.92
N ILE B 20 -15.13 -11.39 19.94
CA ILE B 20 -14.71 -11.25 18.56
C ILE B 20 -14.90 -9.79 18.11
N PRO B 21 -13.87 -9.16 17.52
CA PRO B 21 -13.99 -7.71 17.33
C PRO B 21 -14.77 -7.31 16.07
N THR B 22 -16.10 -7.28 16.17
CA THR B 22 -16.97 -6.68 15.15
C THR B 22 -17.09 -5.17 15.45
N PHE B 23 -17.62 -4.39 14.50
CA PHE B 23 -17.90 -2.96 14.75
C PHE B 23 -18.81 -2.80 15.98
N MET B 24 -18.34 -2.03 16.96
CA MET B 24 -19.06 -1.79 18.22
C MET B 24 -19.41 -3.07 18.99
N ARG B 25 -18.69 -4.16 18.69
CA ARG B 25 -18.99 -5.49 19.24
C ARG B 25 -20.46 -5.89 19.06
N LEU B 26 -21.04 -5.46 17.94
CA LEU B 26 -22.39 -5.86 17.55
C LEU B 26 -22.37 -7.23 16.91
N PRO B 27 -23.54 -7.87 16.76
CA PRO B 27 -23.55 -9.11 16.00
C PRO B 27 -23.25 -8.86 14.51
N ALA B 28 -22.77 -9.90 13.84
CA ALA B 28 -22.45 -9.85 12.43
C ALA B 28 -23.64 -10.30 11.58
N PHE B 29 -23.83 -9.64 10.44
CA PHE B 29 -24.97 -9.92 9.57
C PHE B 29 -24.49 -10.06 8.14
N THR B 30 -25.14 -10.97 7.43
CA THR B 30 -24.95 -11.15 6.02
C THR B 30 -26.08 -10.49 5.18
N ASP B 31 -27.20 -10.21 5.83
CA ASP B 31 -28.37 -9.76 5.09
C ASP B 31 -28.74 -8.31 5.44
N PRO B 32 -28.61 -7.39 4.47
CA PRO B 32 -28.93 -5.98 4.75
C PRO B 32 -30.38 -5.79 5.19
N ALA B 33 -31.28 -6.63 4.68
CA ALA B 33 -32.70 -6.56 5.06
C ALA B 33 -32.87 -6.66 6.56
N ALA B 34 -31.91 -7.30 7.23
CA ALA B 34 -31.98 -7.49 8.67
C ALA B 34 -31.80 -6.19 9.47
N LEU B 35 -31.26 -5.16 8.85
CA LEU B 35 -30.82 -3.96 9.57
C LEU B 35 -31.40 -2.68 8.99
N GLN B 36 -31.44 -1.63 9.80
CA GLN B 36 -31.79 -0.28 9.38
C GLN B 36 -30.54 0.60 9.19
N VAL B 37 -29.49 0.32 9.96
CA VAL B 37 -28.18 0.94 9.76
C VAL B 37 -27.10 -0.13 9.65
N GLY B 38 -26.40 -0.14 8.52
CA GLY B 38 -25.43 -1.19 8.23
C GLY B 38 -24.00 -0.67 8.40
N LEU B 39 -23.24 -1.30 9.29
CA LEU B 39 -21.85 -0.90 9.54
C LEU B 39 -20.96 -1.73 8.66
N ILE B 40 -20.27 -1.06 7.75
CA ILE B 40 -19.65 -1.74 6.62
C ILE B 40 -18.21 -1.33 6.46
N GLY B 41 -17.34 -2.32 6.25
CA GLY B 41 -15.96 -2.04 5.90
C GLY B 41 -15.74 -2.00 4.39
N VAL B 42 -14.91 -1.06 3.93
CA VAL B 42 -14.49 -1.04 2.52
C VAL B 42 -12.95 -1.00 2.50
N PRO B 43 -12.31 -2.17 2.68
CA PRO B 43 -10.86 -2.25 2.85
C PRO B 43 -10.16 -2.16 1.50
N TRP B 44 -10.07 -0.95 0.96
CA TRP B 44 -9.64 -0.79 -0.41
C TRP B 44 -8.86 0.50 -0.56
N ASP B 45 -7.64 0.40 -1.08
CA ASP B 45 -6.83 1.60 -1.28
C ASP B 45 -6.17 1.64 -2.66
N GLY B 46 -6.79 1.00 -3.64
CA GLY B 46 -6.29 1.07 -5.04
C GLY B 46 -6.24 2.49 -5.61
N GLY B 47 -6.98 3.41 -5.01
CA GLY B 47 -6.96 4.81 -5.47
C GLY B 47 -5.83 5.67 -4.94
N THR B 48 -4.96 5.08 -4.10
CA THR B 48 -3.98 5.90 -3.37
C THR B 48 -2.73 6.21 -4.19
N THR B 49 -2.41 7.49 -4.29
CA THR B 49 -1.33 7.96 -5.16
C THR B 49 0.01 8.13 -4.42
N ASN B 50 -0.04 8.22 -3.09
CA ASN B 50 1.15 8.35 -2.26
C ASN B 50 1.30 7.18 -1.28
N ARG B 51 0.93 7.38 0.00
CA ARG B 51 1.10 6.31 1.00
C ARG B 51 -0.14 5.45 1.07
N ALA B 52 0.02 4.16 0.78
CA ALA B 52 -1.10 3.24 0.86
C ALA B 52 -1.20 2.68 2.29
N GLY B 53 -2.18 1.82 2.55
CA GLY B 53 -2.36 1.24 3.87
C GLY B 53 -3.78 1.35 4.42
N ALA B 54 -4.60 2.20 3.82
CA ALA B 54 -5.97 2.32 4.25
C ALA B 54 -6.79 1.02 4.03
N ARG B 55 -6.26 0.07 3.25
CA ARG B 55 -6.93 -1.23 3.13
C ARG B 55 -7.11 -1.92 4.49
N HIS B 56 -6.25 -1.57 5.45
CA HIS B 56 -6.30 -2.18 6.78
C HIS B 56 -7.21 -1.42 7.73
N GLY B 57 -7.66 -0.26 7.29
CA GLY B 57 -8.49 0.63 8.16
C GLY B 57 -9.68 0.00 8.84
N PRO B 58 -10.56 -0.69 8.08
CA PRO B 58 -11.73 -1.29 8.72
C PRO B 58 -11.40 -2.27 9.84
N ARG B 59 -10.42 -3.13 9.65
CA ARG B 59 -10.03 -4.07 10.73
C ARG B 59 -9.63 -3.36 12.02
N GLU B 60 -8.86 -2.30 11.91
CA GLU B 60 -8.35 -1.66 13.12
C GLU B 60 -9.42 -0.78 13.75
N VAL B 61 -10.23 -0.11 12.92
CA VAL B 61 -11.38 0.61 13.44
C VAL B 61 -12.35 -0.34 14.17
N ARG B 62 -12.65 -1.49 13.57
CA ARG B 62 -13.39 -2.56 14.30
C ARG B 62 -12.77 -2.86 15.69
N ASN B 63 -11.46 -3.11 15.69
CA ASN B 63 -10.70 -3.40 16.90
C ASN B 63 -10.97 -2.34 17.97
N LEU B 64 -10.65 -1.10 17.64
CA LEU B 64 -10.76 -0.01 18.60
C LEU B 64 -12.19 0.41 18.94
N SER B 65 -13.14 0.05 18.07
CA SER B 65 -14.57 0.38 18.33
C SER B 65 -15.11 -0.37 19.55
N SER B 66 -14.32 -1.31 20.07
CA SER B 66 -14.60 -2.00 21.33
C SER B 66 -14.65 -1.05 22.50
N LEU B 67 -14.02 0.09 22.35
CA LEU B 67 -13.96 1.09 23.43
C LEU B 67 -15.25 1.91 23.51
N MET B 68 -16.09 1.84 22.48
CA MET B 68 -17.34 2.61 22.43
C MET B 68 -18.39 2.00 23.38
N ARG B 69 -19.21 2.86 23.98
CA ARG B 69 -20.28 2.42 24.89
C ARG B 69 -21.65 2.65 24.23
N LYS B 70 -22.74 2.54 25.00
CA LYS B 70 -24.07 2.49 24.38
C LYS B 70 -24.80 3.81 24.16
N VAL B 71 -24.41 4.85 24.88
CA VAL B 71 -25.18 6.10 24.86
C VAL B 71 -24.30 7.30 24.63
N HIS B 72 -24.72 8.17 23.73
CA HIS B 72 -24.05 9.43 23.53
C HIS B 72 -24.27 10.29 24.76
N HIS B 73 -23.19 10.85 25.33
CA HIS B 73 -23.30 11.51 26.63
C HIS B 73 -23.83 12.94 26.53
N VAL B 74 -23.85 13.49 25.31
CA VAL B 74 -24.37 14.84 25.12
C VAL B 74 -25.83 14.82 24.67
N SER B 75 -26.06 14.22 23.51
CA SER B 75 -27.40 14.12 22.96
C SER B 75 -28.24 13.06 23.66
N ARG B 76 -27.60 12.20 24.45
CA ARG B 76 -28.33 11.12 25.14
C ARG B 76 -29.00 10.12 24.16
N ILE B 77 -28.60 10.17 22.88
CA ILE B 77 -29.07 9.18 21.89
C ILE B 77 -28.53 7.79 22.24
N ALA B 78 -29.42 6.80 22.33
CA ALA B 78 -29.03 5.41 22.45
C ALA B 78 -29.38 4.72 21.12
N PRO B 79 -28.38 4.61 20.21
CA PRO B 79 -28.66 4.25 18.81
C PRO B 79 -29.20 2.85 18.63
N TYR B 80 -28.69 1.89 19.40
CA TYR B 80 -29.09 0.49 19.26
C TYR B 80 -30.53 0.24 19.72
N ASP B 81 -31.00 1.07 20.65
CA ASP B 81 -32.39 1.07 21.08
C ASP B 81 -33.29 1.66 19.99
N LEU B 82 -32.87 2.79 19.42
CA LEU B 82 -33.65 3.43 18.35
C LEU B 82 -33.92 2.54 17.12
N VAL B 83 -32.86 1.95 16.56
CA VAL B 83 -32.98 1.17 15.32
C VAL B 83 -32.17 -0.12 15.37
N ARG B 84 -32.31 -0.95 14.35
CA ARG B 84 -31.53 -2.18 14.22
C ARG B 84 -30.18 -1.91 13.56
N VAL B 85 -29.10 -2.07 14.34
CA VAL B 85 -27.75 -1.85 13.87
C VAL B 85 -26.93 -3.13 13.96
N GLY B 86 -26.01 -3.31 13.02
CA GLY B 86 -25.13 -4.47 13.07
C GLY B 86 -23.92 -4.33 12.16
N ASP B 87 -23.05 -5.32 12.24
CA ASP B 87 -21.85 -5.37 11.43
C ASP B 87 -22.14 -6.16 10.16
N LEU B 88 -22.27 -5.44 9.06
CA LEU B 88 -22.55 -6.05 7.76
C LEU B 88 -21.33 -6.65 7.09
N GLY B 89 -20.18 -6.64 7.78
CA GLY B 89 -18.98 -7.22 7.19
C GLY B 89 -18.30 -6.24 6.26
N ASP B 90 -17.51 -6.75 5.33
CA ASP B 90 -16.82 -5.88 4.38
C ASP B 90 -17.38 -6.00 2.97
N ALA B 91 -17.44 -4.88 2.26
CA ALA B 91 -17.76 -4.91 0.84
C ALA B 91 -16.67 -5.72 0.12
N PRO B 92 -17.06 -6.47 -0.94
CA PRO B 92 -16.06 -7.20 -1.73
C PRO B 92 -15.12 -6.22 -2.37
N VAL B 93 -13.85 -6.60 -2.45
CA VAL B 93 -12.80 -5.72 -2.91
C VAL B 93 -11.83 -6.56 -3.73
N ASN B 94 -11.06 -5.92 -4.60
CA ASN B 94 -10.01 -6.57 -5.37
C ASN B 94 -8.79 -5.65 -5.38
N PRO B 95 -7.74 -6.01 -4.60
CA PRO B 95 -6.56 -5.15 -4.42
C PRO B 95 -5.69 -5.02 -5.69
N ILE B 96 -5.90 -5.90 -6.66
CA ILE B 96 -5.10 -5.96 -7.89
C ILE B 96 -5.77 -5.29 -9.09
N ASP B 97 -7.10 -5.26 -9.11
CA ASP B 97 -7.86 -4.77 -10.26
C ASP B 97 -8.77 -3.62 -9.84
N LEU B 98 -8.38 -2.40 -10.16
CA LEU B 98 -9.09 -1.20 -9.69
C LEU B 98 -10.54 -1.09 -10.17
N LEU B 99 -10.75 -1.30 -11.47
CA LEU B 99 -12.09 -1.25 -12.06
C LEU B 99 -12.97 -2.36 -11.53
N ASP B 100 -12.39 -3.55 -11.32
CA ASP B 100 -13.15 -4.65 -10.72
C ASP B 100 -13.66 -4.29 -9.32
N SER B 101 -12.79 -3.69 -8.50
CA SER B 101 -13.21 -3.28 -7.16
C SER B 101 -14.37 -2.30 -7.23
N LEU B 102 -14.22 -1.30 -8.08
CA LEU B 102 -15.28 -0.33 -8.31
C LEU B 102 -16.59 -1.05 -8.60
N ARG B 103 -16.56 -2.01 -9.52
CA ARG B 103 -17.75 -2.79 -9.84
C ARG B 103 -18.28 -3.54 -8.61
N ARG B 104 -17.41 -4.28 -7.94
CA ARG B 104 -17.86 -5.09 -6.80
C ARG B 104 -18.46 -4.26 -5.66
N ILE B 105 -17.79 -3.17 -5.29
CA ILE B 105 -18.29 -2.32 -4.21
C ILE B 105 -19.67 -1.74 -4.54
N GLU B 106 -19.82 -1.24 -5.78
CA GLU B 106 -21.10 -0.65 -6.18
C GLU B 106 -22.22 -1.69 -6.12
N GLY B 107 -21.97 -2.88 -6.69
CA GLY B 107 -22.90 -4.01 -6.58
C GLY B 107 -23.35 -4.30 -5.14
N PHE B 108 -22.39 -4.30 -4.21
CA PHE B 108 -22.71 -4.51 -2.79
C PHE B 108 -23.60 -3.38 -2.26
N TYR B 109 -23.20 -2.14 -2.52
CA TYR B 109 -23.96 -1.01 -2.02
C TYR B 109 -25.37 -0.85 -2.64
N ARG B 110 -25.56 -1.37 -3.86
CA ARG B 110 -26.91 -1.42 -4.45
C ARG B 110 -27.83 -2.39 -3.70
N GLN B 111 -27.29 -3.54 -3.28
CA GLN B 111 -28.01 -4.47 -2.41
C GLN B 111 -28.38 -3.81 -1.09
N VAL B 112 -27.43 -3.08 -0.51
CA VAL B 112 -27.66 -2.35 0.76
C VAL B 112 -28.76 -1.33 0.54
N HIS B 113 -28.61 -0.53 -0.51
CA HIS B 113 -29.60 0.50 -0.83
C HIS B 113 -31.00 -0.08 -1.12
N ALA B 114 -31.05 -1.20 -1.84
CA ALA B 114 -32.36 -1.78 -2.23
C ALA B 114 -33.12 -2.30 -1.03
N ALA B 115 -32.42 -2.66 0.04
CA ALA B 115 -33.08 -3.14 1.24
C ALA B 115 -33.53 -1.98 2.13
N GLY B 116 -33.23 -0.76 1.70
CA GLY B 116 -33.57 0.44 2.48
C GLY B 116 -32.70 0.67 3.72
N THR B 117 -31.53 0.04 3.76
CA THR B 117 -30.60 0.19 4.88
C THR B 117 -29.63 1.38 4.68
N LEU B 118 -29.49 2.23 5.69
CA LEU B 118 -28.53 3.33 5.62
C LEU B 118 -27.11 2.85 5.95
N PRO B 119 -26.14 3.15 5.06
CA PRO B 119 -24.77 2.66 5.27
C PRO B 119 -23.92 3.64 6.09
N LEU B 120 -23.22 3.08 7.07
CA LEU B 120 -22.20 3.80 7.79
C LEU B 120 -20.92 3.02 7.52
N SER B 121 -20.03 3.61 6.72
CA SER B 121 -18.91 2.86 6.16
C SER B 121 -17.56 3.34 6.68
N VAL B 122 -16.61 2.43 6.73
CA VAL B 122 -15.25 2.77 7.13
C VAL B 122 -14.32 2.36 6.01
N GLY B 123 -13.57 3.33 5.48
CA GLY B 123 -12.59 3.05 4.41
C GLY B 123 -11.31 2.46 4.97
N GLY B 124 -10.33 2.18 4.11
CA GLY B 124 -10.41 2.49 2.68
C GLY B 124 -10.04 3.93 2.42
N ASP B 125 -9.49 4.19 1.23
CA ASP B 125 -9.18 5.55 0.84
C ASP B 125 -10.44 6.20 0.25
N HIS B 126 -10.37 7.49 -0.07
CA HIS B 126 -11.60 8.25 -0.38
C HIS B 126 -12.31 7.81 -1.66
N LEU B 127 -11.59 7.12 -2.54
CA LEU B 127 -12.17 6.64 -3.79
C LEU B 127 -13.35 5.71 -3.53
N VAL B 128 -13.36 5.08 -2.36
CA VAL B 128 -14.45 4.19 -2.00
C VAL B 128 -15.82 4.89 -1.97
N THR B 129 -15.82 6.21 -1.74
CA THR B 129 -17.10 6.93 -1.65
C THR B 129 -17.83 6.97 -3.01
N LEU B 130 -17.08 6.94 -4.10
CA LEU B 130 -17.66 6.96 -5.43
C LEU B 130 -18.59 5.78 -5.69
N PRO B 131 -18.11 4.53 -5.53
CA PRO B 131 -19.04 3.41 -5.80
C PRO B 131 -20.23 3.39 -4.83
N ILE B 132 -20.03 3.89 -3.62
CA ILE B 132 -21.12 4.09 -2.70
C ILE B 132 -22.12 5.10 -3.29
N PHE B 133 -21.62 6.21 -3.80
CA PHE B 133 -22.47 7.23 -4.42
C PHE B 133 -23.15 6.72 -5.68
N ARG B 134 -22.51 5.80 -6.38
CA ARG B 134 -23.09 5.23 -7.59
C ARG B 134 -24.35 4.43 -7.25
N ALA B 135 -24.41 3.92 -6.02
CA ALA B 135 -25.60 3.21 -5.52
C ALA B 135 -26.60 4.16 -4.87
N LEU B 136 -26.12 5.06 -4.01
CA LEU B 136 -27.01 5.90 -3.20
C LEU B 136 -27.53 7.14 -3.92
N GLY B 137 -26.81 7.59 -4.94
CA GLY B 137 -27.22 8.77 -5.69
C GLY B 137 -27.77 8.40 -7.07
N ARG B 138 -27.99 7.12 -7.29
CA ARG B 138 -28.45 6.57 -8.58
C ARG B 138 -29.80 7.18 -9.00
N GLU B 139 -30.76 7.14 -8.08
CA GLU B 139 -32.11 7.65 -8.35
C GLU B 139 -32.23 9.17 -8.22
N ARG B 140 -31.75 9.72 -7.11
CA ARG B 140 -31.78 11.16 -6.86
C ARG B 140 -30.45 11.64 -6.28
N PRO B 141 -29.98 12.84 -6.70
CA PRO B 141 -28.64 13.28 -6.30
C PRO B 141 -28.53 13.59 -4.81
N LEU B 142 -27.34 13.38 -4.27
CA LEU B 142 -27.05 13.65 -2.86
C LEU B 142 -26.52 15.05 -2.64
N GLY B 143 -26.80 15.60 -1.47
CA GLY B 143 -26.02 16.70 -0.91
C GLY B 143 -24.91 16.07 -0.05
N MET B 144 -23.94 16.86 0.39
CA MET B 144 -22.87 16.28 1.20
C MET B 144 -22.17 17.29 2.10
N VAL B 145 -21.98 16.91 3.37
CA VAL B 145 -21.01 17.59 4.25
C VAL B 145 -19.70 16.79 4.25
N HIS B 146 -18.65 17.39 3.69
CA HIS B 146 -17.39 16.72 3.42
C HIS B 146 -16.29 17.33 4.29
N PHE B 147 -15.73 16.54 5.21
CA PHE B 147 -14.62 16.97 6.05
C PHE B 147 -13.30 16.43 5.47
N ASP B 148 -12.39 17.33 5.11
CA ASP B 148 -11.18 16.94 4.40
C ASP B 148 -10.11 18.04 4.41
N ALA B 149 -8.84 17.64 4.37
CA ALA B 149 -7.75 18.57 4.04
C ALA B 149 -7.70 18.86 2.53
N HIS B 150 -8.38 18.02 1.75
CA HIS B 150 -8.31 18.11 0.29
C HIS B 150 -9.70 18.08 -0.33
N SER B 151 -9.85 18.76 -1.46
CA SER B 151 -11.15 18.87 -2.12
C SER B 151 -11.55 17.55 -2.78
N ASP B 152 -10.56 16.77 -3.20
CA ASP B 152 -10.78 15.51 -3.92
C ASP B 152 -11.68 15.69 -5.15
N THR B 153 -11.43 16.78 -5.89
CA THR B 153 -12.15 17.07 -7.12
C THR B 153 -11.18 17.22 -8.29
N ASN B 154 -10.02 16.56 -8.20
CA ASN B 154 -9.06 16.53 -9.31
C ASN B 154 -9.61 15.79 -10.53
N ASP B 155 -9.01 16.04 -11.68
CA ASP B 155 -9.49 15.39 -12.90
C ASP B 155 -8.79 14.06 -13.22
N ARG B 156 -7.48 14.09 -13.32
CA ARG B 156 -6.74 12.88 -13.67
C ARG B 156 -5.38 12.83 -12.99
N TYR B 157 -4.85 11.63 -12.83
CA TYR B 157 -3.50 11.45 -12.26
C TYR B 157 -2.61 10.67 -13.21
N PHE B 158 -1.30 10.96 -13.15
CA PHE B 158 -0.26 10.22 -13.89
C PHE B 158 -0.77 9.69 -15.23
N GLY B 159 -1.30 10.58 -16.04
CA GLY B 159 -1.89 10.20 -17.32
C GLY B 159 -3.42 10.21 -17.34
N ASP B 160 -3.98 9.29 -18.12
CA ASP B 160 -5.42 9.20 -18.37
C ASP B 160 -6.17 8.42 -17.29
N ASN B 161 -5.78 8.60 -16.03
CA ASN B 161 -6.37 7.85 -14.93
C ASN B 161 -7.41 8.69 -14.17
N PRO B 162 -8.70 8.33 -14.32
CA PRO B 162 -9.77 9.18 -13.81
C PRO B 162 -10.27 8.79 -12.42
N TYR B 163 -9.82 7.65 -11.90
CA TYR B 163 -10.23 7.20 -10.57
C TYR B 163 -9.05 7.12 -9.57
N THR B 164 -8.98 8.09 -8.66
CA THR B 164 -8.05 8.03 -7.55
C THR B 164 -8.77 8.57 -6.30
N HIS B 165 -8.13 8.47 -5.14
CA HIS B 165 -8.71 9.04 -3.92
C HIS B 165 -8.80 10.57 -4.01
N GLY B 166 -8.15 11.14 -5.02
CA GLY B 166 -8.19 12.60 -5.24
C GLY B 166 -9.21 13.09 -6.27
N THR B 167 -9.99 12.18 -6.86
CA THR B 167 -10.98 12.56 -7.89
C THR B 167 -12.46 12.16 -7.66
N PRO B 168 -12.80 11.51 -6.52
CA PRO B 168 -14.11 10.83 -6.50
C PRO B 168 -15.30 11.79 -6.61
N PHE B 169 -15.16 13.00 -6.10
CA PHE B 169 -16.30 13.91 -6.04
C PHE B 169 -16.44 14.74 -7.31
N ARG B 170 -15.40 14.74 -8.13
CA ARG B 170 -15.52 15.31 -9.46
C ARG B 170 -16.31 14.32 -10.32
N ARG B 171 -15.89 13.05 -10.29
CA ARG B 171 -16.64 11.97 -10.95
C ARG B 171 -18.10 11.91 -10.50
N ALA B 172 -18.32 12.02 -9.19
CA ALA B 172 -19.69 11.99 -8.67
C ALA B 172 -20.52 13.12 -9.28
N ILE B 173 -19.98 14.35 -9.28
CA ILE B 173 -20.67 15.50 -9.88
C ILE B 173 -20.94 15.29 -11.38
N GLU B 174 -19.91 14.87 -12.11
CA GLU B 174 -20.05 14.53 -13.54
C GLU B 174 -21.13 13.50 -13.80
N GLU B 175 -21.28 12.54 -12.88
CA GLU B 175 -22.20 11.42 -13.06
C GLU B 175 -23.61 11.75 -12.53
N GLY B 176 -23.78 13.00 -12.10
CA GLY B 176 -25.03 13.48 -11.53
C GLY B 176 -25.43 12.80 -10.22
N LEU B 177 -24.47 12.21 -9.53
CA LEU B 177 -24.76 11.49 -8.28
C LEU B 177 -24.76 12.48 -7.11
N LEU B 178 -23.97 13.53 -7.25
CA LEU B 178 -23.78 14.50 -6.19
C LEU B 178 -24.08 15.90 -6.71
N ASP B 179 -24.95 16.60 -5.99
CA ASP B 179 -25.29 17.97 -6.33
C ASP B 179 -24.29 18.97 -5.76
N PRO B 180 -23.49 19.60 -6.63
CA PRO B 180 -22.43 20.52 -6.20
C PRO B 180 -22.95 21.75 -5.49
N LEU B 181 -24.21 22.11 -5.72
CA LEU B 181 -24.79 23.27 -5.06
C LEU B 181 -25.17 22.92 -3.63
N ARG B 182 -25.34 21.63 -3.37
CA ARG B 182 -25.57 21.16 -2.00
C ARG B 182 -24.35 20.46 -1.38
N THR B 183 -23.16 20.77 -1.90
CA THR B 183 -21.91 20.21 -1.36
C THR B 183 -21.11 21.28 -0.60
N VAL B 184 -20.69 20.95 0.62
CA VAL B 184 -19.83 21.82 1.42
C VAL B 184 -18.62 21.02 1.96
N GLN B 185 -17.42 21.59 1.80
CA GLN B 185 -16.18 20.93 2.15
C GLN B 185 -15.51 21.77 3.20
N ILE B 186 -15.11 21.15 4.31
CA ILE B 186 -14.55 21.89 5.45
C ILE B 186 -13.15 21.36 5.84
N GLY B 187 -12.22 22.29 6.05
CA GLY B 187 -10.88 21.94 6.50
C GLY B 187 -9.76 22.01 5.46
N ILE B 188 -10.12 22.28 4.20
CA ILE B 188 -9.15 22.29 3.09
C ILE B 188 -7.90 23.14 3.37
N ARG B 189 -6.71 22.56 3.14
CA ARG B 189 -5.45 23.27 3.45
C ARG B 189 -4.24 22.61 2.81
N GLY B 190 -3.10 23.26 2.93
CA GLY B 190 -1.85 22.68 2.46
C GLY B 190 -1.55 23.11 1.05
N SER B 191 -0.26 23.06 0.70
CA SER B 191 0.22 23.44 -0.61
C SER B 191 -0.51 22.72 -1.75
N VAL B 192 -0.51 23.34 -2.93
CA VAL B 192 -1.28 22.84 -4.06
C VAL B 192 -0.43 22.71 -5.32
N TYR B 193 -0.82 21.81 -6.22
CA TYR B 193 -0.04 21.49 -7.40
C TYR B 193 0.10 22.64 -8.36
N SER B 194 -0.96 23.36 -8.54
CA SER B 194 -0.97 24.37 -9.53
C SER B 194 -1.82 25.50 -9.03
N PRO B 195 -1.63 26.65 -9.60
CA PRO B 195 -2.24 27.87 -9.13
C PRO B 195 -3.72 27.73 -9.15
N ASP B 196 -4.37 27.09 -10.09
CA ASP B 196 -5.79 26.96 -9.79
C ASP B 196 -6.28 25.54 -9.62
N ASP B 197 -6.14 25.05 -8.39
CA ASP B 197 -6.51 23.66 -8.17
C ASP B 197 -8.03 23.53 -8.11
N ASP B 198 -8.69 24.56 -7.57
CA ASP B 198 -10.13 24.59 -7.36
C ASP B 198 -10.91 25.36 -8.46
N ALA B 199 -10.51 25.17 -9.72
CA ALA B 199 -11.23 25.78 -10.84
C ALA B 199 -12.61 25.11 -10.99
N PHE B 200 -12.59 23.78 -11.00
CA PHE B 200 -13.80 22.96 -11.06
C PHE B 200 -14.78 23.32 -9.95
N ALA B 201 -14.26 23.42 -8.72
CA ALA B 201 -15.11 23.62 -7.56
C ALA B 201 -15.85 24.96 -7.60
N ARG B 202 -15.14 26.02 -7.98
CA ARG B 202 -15.75 27.35 -8.05
C ARG B 202 -16.79 27.45 -9.17
N GLU B 203 -16.53 26.75 -10.27
CA GLU B 203 -17.38 26.82 -11.45
C GLU B 203 -18.68 26.03 -11.35
N CYS B 204 -18.66 24.95 -10.55
CA CYS B 204 -19.86 24.14 -10.38
C CYS B 204 -20.59 24.50 -9.08
N GLY B 205 -20.04 25.47 -8.33
CA GLY B 205 -20.71 26.06 -7.17
C GLY B 205 -20.54 25.38 -5.81
N ILE B 206 -19.48 24.59 -5.65
CA ILE B 206 -19.21 23.93 -4.36
C ILE B 206 -18.82 25.00 -3.35
N ARG B 207 -19.38 24.92 -2.14
CA ARG B 207 -18.92 25.77 -1.05
C ARG B 207 -17.68 25.15 -0.38
N VAL B 208 -16.56 25.85 -0.48
CA VAL B 208 -15.31 25.38 0.11
C VAL B 208 -14.86 26.22 1.31
N ILE B 209 -14.92 25.61 2.50
CA ILE B 209 -14.45 26.26 3.72
C ILE B 209 -13.02 25.79 4.07
N HIS B 210 -12.03 26.49 3.54
CA HIS B 210 -10.63 26.26 3.89
C HIS B 210 -10.37 26.33 5.39
N MET B 211 -9.28 25.71 5.82
CA MET B 211 -8.89 25.73 7.23
C MET B 211 -8.84 27.15 7.77
N GLU B 212 -8.30 28.08 6.97
CA GLU B 212 -8.19 29.51 7.38
C GLU B 212 -9.57 30.12 7.65
N GLU B 213 -10.51 29.93 6.72
CA GLU B 213 -11.87 30.40 6.90
C GLU B 213 -12.58 29.76 8.11
N PHE B 214 -12.46 28.44 8.25
CA PHE B 214 -13.03 27.77 9.42
C PHE B 214 -12.50 28.37 10.72
N VAL B 215 -11.22 28.71 10.72
CA VAL B 215 -10.60 29.38 11.85
C VAL B 215 -11.23 30.77 12.05
N GLU B 216 -11.37 31.55 10.97
CA GLU B 216 -12.00 32.89 11.03
C GLU B 216 -13.44 32.81 11.53
N LEU B 217 -14.22 31.91 10.93
CA LEU B 217 -15.64 31.73 11.25
C LEU B 217 -15.91 31.14 12.63
N GLY B 218 -15.15 30.10 12.99
CA GLY B 218 -15.40 29.40 14.26
C GLY B 218 -16.39 28.27 14.00
N VAL B 219 -16.59 27.43 15.01
CA VAL B 219 -17.40 26.21 14.88
C VAL B 219 -18.87 26.50 14.53
N GLU B 220 -19.51 27.35 15.34
CA GLU B 220 -20.94 27.66 15.20
C GLU B 220 -21.31 28.30 13.86
N ALA B 221 -20.56 29.34 13.45
CA ALA B 221 -20.78 29.94 12.14
C ALA B 221 -20.50 28.94 11.02
N THR B 222 -19.39 28.21 11.14
CA THR B 222 -19.05 27.16 10.17
C THR B 222 -20.19 26.16 10.05
N LEU B 223 -20.76 25.81 11.20
CA LEU B 223 -21.89 24.91 11.29
C LEU B 223 -23.14 25.46 10.59
N ALA B 224 -23.45 26.74 10.81
CA ALA B 224 -24.63 27.38 10.21
C ALA B 224 -24.50 27.42 8.68
N GLU B 225 -23.36 27.88 8.18
CA GLU B 225 -23.08 27.87 6.75
C GLU B 225 -23.27 26.47 6.12
N ALA B 226 -22.77 25.43 6.79
CA ALA B 226 -22.87 24.06 6.30
C ALA B 226 -24.33 23.56 6.22
N ARG B 227 -25.11 23.86 7.24
CA ARG B 227 -26.50 23.48 7.26
C ARG B 227 -27.30 24.28 6.21
N ARG B 228 -26.89 25.54 5.99
CA ARG B 228 -27.47 26.38 4.94
C ARG B 228 -27.27 25.74 3.57
N VAL B 229 -26.05 25.31 3.30
CA VAL B 229 -25.72 24.72 2.01
C VAL B 229 -26.52 23.45 1.73
N VAL B 230 -26.59 22.53 2.70
CA VAL B 230 -27.26 21.24 2.46
C VAL B 230 -28.79 21.31 2.62
N GLY B 231 -29.26 22.29 3.39
CA GLY B 231 -30.70 22.50 3.58
C GLY B 231 -31.41 21.30 4.15
N ALA B 232 -32.56 20.99 3.55
CA ALA B 232 -33.40 19.89 4.01
C ALA B 232 -33.32 18.65 3.10
N GLY B 233 -32.50 18.74 2.06
CA GLY B 233 -32.33 17.63 1.10
C GLY B 233 -31.67 16.39 1.70
N PRO B 234 -31.63 15.29 0.93
CA PRO B 234 -30.94 14.08 1.38
C PRO B 234 -29.43 14.31 1.36
N THR B 235 -28.77 14.08 2.49
CA THR B 235 -27.37 14.51 2.69
C THR B 235 -26.50 13.36 3.19
N TYR B 236 -25.29 13.26 2.64
CA TYR B 236 -24.29 12.26 3.02
C TYR B 236 -23.20 13.00 3.75
N VAL B 237 -22.62 12.36 4.75
CA VAL B 237 -21.45 12.93 5.46
C VAL B 237 -20.19 12.07 5.26
N SER B 238 -19.15 12.69 4.68
CA SER B 238 -17.92 11.99 4.39
C SER B 238 -16.80 12.60 5.19
N PHE B 239 -16.28 11.83 6.15
CA PHE B 239 -15.21 12.29 7.04
C PHE B 239 -13.84 11.68 6.70
N ASP B 240 -12.97 12.47 6.10
CA ASP B 240 -11.60 12.09 5.83
C ASP B 240 -10.77 12.49 7.07
N VAL B 241 -10.16 11.48 7.72
CA VAL B 241 -9.45 11.75 8.97
C VAL B 241 -8.29 12.72 8.80
N ASP B 242 -7.80 12.89 7.58
CA ASP B 242 -6.73 13.87 7.39
C ASP B 242 -7.19 15.33 7.55
N VAL B 243 -8.49 15.52 7.75
CA VAL B 243 -9.00 16.85 8.09
C VAL B 243 -8.41 17.26 9.43
N LEU B 244 -8.19 16.27 10.29
CA LEU B 244 -7.60 16.48 11.61
C LEU B 244 -6.10 16.73 11.49
N ASP B 245 -5.57 17.53 12.42
CA ASP B 245 -4.13 17.66 12.52
C ASP B 245 -3.51 16.28 12.74
N PRO B 246 -2.33 16.04 12.15
CA PRO B 246 -1.56 14.80 12.34
C PRO B 246 -1.35 14.41 13.80
N ALA B 247 -1.44 15.38 14.71
CA ALA B 247 -1.30 15.06 16.14
C ALA B 247 -2.47 14.21 16.63
N PHE B 248 -3.63 14.34 16.00
CA PHE B 248 -4.82 13.61 16.40
C PHE B 248 -5.01 12.41 15.51
N ALA B 249 -4.57 12.55 14.26
CA ALA B 249 -4.75 11.49 13.29
C ALA B 249 -3.47 11.27 12.48
N PRO B 250 -2.44 10.69 13.10
CA PRO B 250 -1.18 10.41 12.40
C PRO B 250 -1.34 9.35 11.32
N GLY B 251 -2.31 8.46 11.50
CA GLY B 251 -2.42 7.29 10.64
C GLY B 251 -3.22 7.56 9.37
N THR B 252 -2.63 8.32 8.46
CA THR B 252 -3.30 8.64 7.22
C THR B 252 -2.28 8.86 6.09
N GLY B 253 -2.74 8.65 4.87
CA GLY B 253 -1.87 8.65 3.71
C GLY B 253 -1.32 9.99 3.31
N THR B 254 -2.14 11.04 3.42
CA THR B 254 -1.77 12.39 2.95
C THR B 254 -1.95 13.45 4.04
N PRO B 255 -1.11 13.41 5.08
CA PRO B 255 -1.21 14.36 6.16
C PRO B 255 -0.89 15.79 5.71
N GLU B 256 -1.53 16.76 6.35
CA GLU B 256 -1.20 18.19 6.15
C GLU B 256 -1.27 18.79 7.54
N ILE B 257 -0.22 19.47 7.97
CA ILE B 257 -0.22 20.01 9.34
C ILE B 257 -1.19 21.20 9.46
N GLY B 258 -1.38 21.65 10.70
CA GLY B 258 -2.24 22.79 10.97
C GLY B 258 -3.71 22.49 10.78
N GLY B 259 -4.14 21.35 11.31
CA GLY B 259 -5.50 20.86 11.11
C GLY B 259 -6.48 20.98 12.26
N MET B 260 -7.64 20.36 12.08
CA MET B 260 -8.74 20.43 13.03
C MET B 260 -8.42 19.53 14.24
N THR B 261 -8.85 19.92 15.42
CA THR B 261 -8.72 19.06 16.60
C THR B 261 -9.84 18.02 16.60
N SER B 262 -9.67 16.93 17.34
CA SER B 262 -10.73 15.93 17.50
C SER B 262 -11.95 16.56 18.15
N LEU B 263 -11.71 17.40 19.15
CA LEU B 263 -12.81 18.11 19.79
C LEU B 263 -13.67 18.83 18.73
N GLN B 264 -13.03 19.60 17.86
CA GLN B 264 -13.72 20.35 16.81
C GLN B 264 -14.50 19.44 15.87
N ALA B 265 -13.90 18.32 15.49
CA ALA B 265 -14.56 17.37 14.62
C ALA B 265 -15.85 16.89 15.30
N GLN B 266 -15.79 16.60 16.59
CA GLN B 266 -16.98 16.16 17.32
C GLN B 266 -18.06 17.23 17.46
N GLN B 267 -17.67 18.47 17.70
CA GLN B 267 -18.65 19.56 17.79
C GLN B 267 -19.33 19.73 16.43
N LEU B 268 -18.54 19.74 15.35
CA LEU B 268 -19.10 19.90 14.01
C LEU B 268 -20.09 18.81 13.63
N VAL B 269 -19.68 17.54 13.76
CA VAL B 269 -20.57 16.43 13.45
C VAL B 269 -21.83 16.43 14.34
N ARG B 270 -21.64 16.73 15.61
CA ARG B 270 -22.78 16.81 16.54
C ARG B 270 -23.79 17.87 16.13
N GLY B 271 -23.29 18.99 15.62
CA GLY B 271 -24.13 20.05 15.08
C GLY B 271 -24.93 19.69 13.83
N LEU B 272 -24.66 18.53 13.24
CA LEU B 272 -25.40 18.10 12.04
C LEU B 272 -26.67 17.33 12.38
N ARG B 273 -27.00 17.26 13.66
CA ARG B 273 -28.22 16.59 14.11
C ARG B 273 -29.46 17.23 13.48
N GLY B 274 -30.42 16.41 13.08
CA GLY B 274 -31.68 16.88 12.51
C GLY B 274 -31.74 16.90 10.99
N LEU B 275 -30.61 16.71 10.32
CA LEU B 275 -30.60 16.73 8.86
C LEU B 275 -31.14 15.41 8.30
N ASP B 276 -31.48 15.42 7.02
CA ASP B 276 -31.87 14.18 6.37
C ASP B 276 -30.62 13.42 5.93
N LEU B 277 -30.05 12.67 6.86
CA LEU B 277 -28.81 11.93 6.62
C LEU B 277 -29.08 10.55 6.03
N VAL B 278 -28.59 10.33 4.82
CA VAL B 278 -28.88 9.08 4.14
C VAL B 278 -27.70 8.08 4.19
N GLY B 279 -26.63 8.46 4.85
CA GLY B 279 -25.41 7.65 4.85
C GLY B 279 -24.22 8.48 5.30
N ALA B 280 -23.16 7.79 5.69
CA ALA B 280 -21.92 8.46 6.08
C ALA B 280 -20.73 7.50 5.97
N ASP B 281 -19.53 8.05 5.93
CA ASP B 281 -18.32 7.24 5.96
C ASP B 281 -17.19 7.94 6.69
N VAL B 282 -16.25 7.14 7.16
CA VAL B 282 -15.01 7.61 7.75
C VAL B 282 -13.90 6.93 6.95
N VAL B 283 -13.07 7.72 6.27
CA VAL B 283 -12.12 7.17 5.30
C VAL B 283 -10.70 7.65 5.58
N GLU B 284 -9.74 6.98 4.96
CA GLU B 284 -8.31 7.33 5.03
C GLU B 284 -7.62 6.99 6.37
N VAL B 285 -8.26 6.17 7.21
CA VAL B 285 -7.53 5.58 8.35
C VAL B 285 -6.50 4.62 7.77
N SER B 286 -5.21 4.88 8.02
CA SER B 286 -4.14 4.02 7.47
C SER B 286 -3.29 3.41 8.60
N PRO B 287 -3.68 2.22 9.09
CA PRO B 287 -2.95 1.63 10.23
C PRO B 287 -1.42 1.51 10.09
N PRO B 288 -0.90 1.23 8.87
CA PRO B 288 0.57 1.11 8.83
C PRO B 288 1.27 2.41 9.24
N PHE B 289 0.53 3.53 9.29
CA PHE B 289 1.12 4.81 9.66
C PHE B 289 0.59 5.30 10.99
N ASP B 290 -0.17 4.46 11.67
CA ASP B 290 -0.85 4.86 12.89
C ASP B 290 0.08 4.63 14.08
N VAL B 291 -0.28 5.22 15.22
CA VAL B 291 0.53 5.19 16.42
C VAL B 291 -0.31 4.63 17.58
N GLY B 292 -0.04 3.41 18.00
CA GLY B 292 -0.81 2.74 19.03
C GLY B 292 -2.33 2.80 18.83
N GLY B 293 -2.75 2.81 17.57
CA GLY B 293 -4.16 2.77 17.23
C GLY B 293 -4.90 4.09 17.43
N ALA B 294 -4.16 5.19 17.60
CA ALA B 294 -4.78 6.48 17.86
C ALA B 294 -5.80 6.85 16.79
N THR B 295 -5.39 6.75 15.53
CA THR B 295 -6.24 7.13 14.41
C THR B 295 -7.38 6.14 14.25
N ALA B 296 -7.14 4.86 14.53
CA ALA B 296 -8.21 3.87 14.52
C ALA B 296 -9.28 4.22 15.56
N LEU B 297 -8.84 4.71 16.71
CA LEU B 297 -9.78 5.11 17.75
C LEU B 297 -10.54 6.38 17.39
N VAL B 298 -9.83 7.36 16.84
CA VAL B 298 -10.49 8.53 16.25
C VAL B 298 -11.58 8.04 15.27
N GLY B 299 -11.22 7.10 14.40
CA GLY B 299 -12.13 6.56 13.38
C GLY B 299 -13.36 5.91 13.97
N ALA B 300 -13.15 5.03 14.94
CA ALA B 300 -14.25 4.39 15.65
C ALA B 300 -15.13 5.42 16.35
N THR B 301 -14.52 6.44 16.96
CA THR B 301 -15.30 7.43 17.72
C THR B 301 -16.13 8.31 16.76
N MET B 302 -15.52 8.78 15.69
CA MET B 302 -16.28 9.56 14.71
C MET B 302 -17.40 8.71 14.12
N MET B 303 -17.12 7.42 13.94
CA MET B 303 -18.13 6.46 13.50
C MET B 303 -19.32 6.40 14.46
N PHE B 304 -19.04 6.35 15.75
CA PHE B 304 -20.11 6.37 16.73
C PHE B 304 -20.92 7.67 16.71
N GLU B 305 -20.25 8.81 16.58
CA GLU B 305 -20.91 10.12 16.50
C GLU B 305 -21.88 10.15 15.33
N LEU B 306 -21.43 9.64 14.18
CA LEU B 306 -22.23 9.58 12.96
C LEU B 306 -23.35 8.56 13.08
N LEU B 307 -23.08 7.47 13.79
CA LEU B 307 -24.09 6.42 13.98
C LEU B 307 -25.29 6.94 14.77
N CYS B 308 -25.04 7.85 15.70
CA CYS B 308 -26.12 8.43 16.51
C CYS B 308 -27.05 9.28 15.65
N LEU B 309 -26.48 10.07 14.74
CA LEU B 309 -27.25 10.88 13.80
C LEU B 309 -28.04 10.03 12.82
N LEU B 310 -27.38 9.03 12.25
CA LEU B 310 -27.99 8.11 11.29
C LEU B 310 -29.11 7.28 11.87
N ALA B 311 -29.04 7.04 13.18
CA ALA B 311 -30.04 6.23 13.87
C ALA B 311 -31.35 7.03 14.01
N GLU B 312 -31.24 8.34 14.23
CA GLU B 312 -32.41 9.21 14.24
C GLU B 312 -33.03 9.29 12.85
N SER B 313 -32.19 9.50 11.84
CA SER B 313 -32.65 9.54 10.44
C SER B 313 -33.40 8.27 10.04
N ALA B 314 -32.79 7.10 10.30
CA ALA B 314 -33.43 5.82 10.01
C ALA B 314 -34.77 5.66 10.76
N ALA B 315 -34.84 6.19 11.97
CA ALA B 315 -36.10 6.22 12.72
C ALA B 315 -37.02 7.36 12.24
N ARG B 316 -37.15 7.51 10.92
CA ARG B 316 -37.78 8.70 10.28
C ARG B 316 -37.89 9.94 11.16
C1 GOL C . -3.46 -7.77 7.33
O1 GOL C . -2.83 -7.87 6.07
C2 GOL C . -3.40 -9.14 7.96
O2 GOL C . -4.24 -10.02 7.26
C3 GOL C . -3.79 -9.03 9.43
O3 GOL C . -2.68 -8.50 10.12
MN MN D . 8.93 -12.97 -3.54
MN MN E . 8.28 -13.91 -0.60
MN MN F . -10.25 12.76 0.98
MN MN G . -7.77 14.17 2.34
#